data_1FV8
#
_entry.id   1FV8
#
_cell.length_a   1.000
_cell.length_b   1.000
_cell.length_c   1.000
_cell.angle_alpha   90.00
_cell.angle_beta   90.00
_cell.angle_gamma   90.00
#
_symmetry.space_group_name_H-M   'P 1'
#
_entity_poly.entity_id   1
_entity_poly.type   'polydeoxyribonucleotide'
_entity_poly.pdbx_seq_one_letter_code
;(DT)(DA)(DT)(DC)(DA)(0DT)(DC)(DG)(DA)(DT)(DA)
;
_entity_poly.pdbx_strand_id   A
#
loop_
_chem_comp.id
_chem_comp.type
_chem_comp.name
_chem_comp.formula
0DT L-DNA linking '2'-DEOXY-L-RIBO-FURANOSYL THYMIDINE-5'-MONOPHOSPHATE' 'C10 H15 N2 O8 P'
DA DNA linking 2'-DEOXYADENOSINE-5'-MONOPHOSPHATE 'C10 H14 N5 O6 P'
DC DNA linking 2'-DEOXYCYTIDINE-5'-MONOPHOSPHATE 'C9 H14 N3 O7 P'
DG DNA linking 2'-DEOXYGUANOSINE-5'-MONOPHOSPHATE 'C10 H14 N5 O7 P'
DT DNA linking THYMIDINE-5'-MONOPHOSPHATE 'C10 H15 N2 O8 P'
#
# COMPACT_ATOMS: atom_id res chain seq x y z
P 0DT A 6 0.64 -3.59 2.38
OP1 0DT A 6 0.98 -4.63 1.39
OP2 0DT A 6 1.71 -3.00 3.23
O5' 0DT A 6 -0.10 -2.38 1.64
C5' 0DT A 6 -1.25 -2.64 0.83
C4' 0DT A 6 -0.83 -2.90 -0.61
O4' 0DT A 6 0.53 -2.44 -0.79
C3' 0DT A 6 -1.63 -2.17 -1.67
O3' 0DT A 6 -1.52 -2.85 -2.92
C2' 0DT A 6 -0.94 -0.82 -1.73
C1' 0DT A 6 0.52 -1.18 -1.45
N1 0DT A 6 1.22 -0.19 -0.59
C2 0DT A 6 2.20 0.58 -1.15
O2 0DT A 6 2.54 0.49 -2.32
N3 0DT A 6 2.80 1.47 -0.29
C4 0DT A 6 2.51 1.65 1.05
O4 0DT A 6 3.12 2.50 1.69
C5 0DT A 6 1.47 0.80 1.58
C5M 0DT A 6 1.07 0.94 3.01
C6 0DT A 6 0.89 -0.08 0.74
H5' 0DT A 6 -1.91 -1.78 0.85
H5'' 0DT A 6 -1.79 -3.52 1.21
H4' 0DT A 6 -0.95 -3.97 -0.80
H3' 0DT A 6 -2.68 -2.07 -1.39
H2' 0DT A 6 -1.05 -0.36 -2.71
H2'' 0DT A 6 -1.35 -0.14 -0.99
H1' 0DT A 6 1.09 -1.28 -2.38
H3 0DT A 6 3.53 2.05 -0.67
H71 0DT A 6 1.48 1.86 3.41
H72 0DT A 6 -0.02 0.94 3.09
H73 0DT A 6 1.47 0.09 3.58
H6 0DT A 6 0.11 -0.73 1.15
P 0DT A 6 0.66 -3.57 2.35
OP1 0DT A 6 1.22 -4.93 2.22
OP2 0DT A 6 1.34 -2.57 3.21
O5' 0DT A 6 0.51 -2.95 0.89
C5' 0DT A 6 -0.73 -3.03 0.18
C4' 0DT A 6 -0.48 -2.96 -1.31
O4' 0DT A 6 0.77 -2.29 -1.56
C3' 0DT A 6 -1.52 -2.17 -2.12
O3' 0DT A 6 -1.57 -2.67 -3.47
C2' 0DT A 6 -0.97 -0.76 -2.07
C1' 0DT A 6 0.54 -0.94 -1.94
N1 0DT A 6 1.18 -0.06 -0.94
C2 0DT A 6 2.22 0.74 -1.34
O2 0DT A 6 2.65 0.74 -2.48
N3 0DT A 6 2.74 1.54 -0.36
C4 0DT A 6 2.33 1.63 0.95
O4 0DT A 6 2.89 2.41 1.71
C5 0DT A 6 1.24 0.75 1.32
C5M 0DT A 6 0.71 0.81 2.71
C6 0DT A 6 0.71 -0.04 0.37
H5' 0DT A 6 -1.37 -2.20 0.47
H5'' 0DT A 6 -1.24 -3.96 0.42
H4' 0DT A 6 -0.51 -3.98 -1.70
H3' 0DT A 6 -2.50 -2.25 -1.67
H2' 0DT A 6 -1.21 -0.21 -3.00
H2'' 0DT A 6 -1.40 -0.19 -1.24
H1' 0DT A 6 1.04 -0.78 -2.90
H3 0DT A 6 3.51 2.13 -0.63
H71 0DT A 6 1.10 -0.03 3.28
H72 0DT A 6 1.02 1.74 3.18
H73 0DT A 6 -0.38 0.78 2.69
H6 0DT A 6 -0.10 -0.71 0.65
P 0DT A 6 1.13 -2.97 1.51
OP1 0DT A 6 1.53 -4.09 0.62
OP2 0DT A 6 2.16 -2.30 2.34
O5' 0DT A 6 0.40 -1.87 0.62
C5' 0DT A 6 -0.95 -2.04 0.19
C4' 0DT A 6 -1.08 -1.67 -1.27
O4' 0DT A 6 0.03 -0.82 -1.65
C3' 0DT A 6 -2.34 -0.90 -1.63
O3' 0DT A 6 -2.78 -1.22 -2.96
C2' 0DT A 6 -1.90 0.56 -1.55
C1' 0DT A 6 -0.39 0.53 -1.73
N1 0DT A 6 0.35 1.30 -0.72
C2 0DT A 6 1.17 2.33 -1.15
O2 0DT A 6 1.32 2.61 -2.34
N3 0DT A 6 1.82 3.01 -0.16
C4 0DT A 6 1.74 2.77 1.20
O4 0DT A 6 2.38 3.47 1.97
C5 0DT A 6 0.87 1.69 1.59
C5M 0DT A 6 0.67 1.41 3.05
C6 0DT A 6 0.22 1.01 0.63
H5' 0DT A 6 -1.61 -1.40 0.78
H5'' 0DT A 6 -1.24 -3.09 0.32
H4' 0DT A 6 -1.12 -2.61 -1.85
H3' 0DT A 6 -3.14 -1.12 -0.93
H2' 0DT A 6 -2.36 1.15 -2.35
H2'' 0DT A 6 -2.20 1.01 -0.60
H1' 0DT A 6 -0.12 0.90 -2.73
H3 0DT A 6 2.43 3.76 -0.45
H71 0DT A 6 -0.35 1.07 3.23
H72 0DT A 6 1.37 0.62 3.35
H73 0DT A 6 0.87 2.31 3.62
H6 0DT A 6 -0.42 0.18 0.92
P 0DT A 6 1.17 -1.99 2.06
OP1 0DT A 6 1.98 -3.06 1.43
OP2 0DT A 6 1.82 -0.99 2.94
O5' 0DT A 6 0.41 -1.20 0.89
C5' 0DT A 6 -0.82 -1.70 0.34
C4' 0DT A 6 -0.73 -1.72 -1.17
O4' 0DT A 6 0.28 -0.78 -1.59
C3' 0DT A 6 -2.00 -1.29 -1.91
O3' 0DT A 6 -2.05 -1.90 -3.21
C2' 0DT A 6 -1.84 0.21 -2.02
C1' 0DT A 6 -0.33 0.42 -2.05
N1 0DT A 6 0.14 1.52 -1.17
C2 0DT A 6 0.71 2.63 -1.76
O2 0DT A 6 0.85 2.73 -2.97
N3 0DT A 6 1.11 3.60 -0.90
C4 0DT A 6 1.00 3.60 0.47
O4 0DT A 6 1.41 4.56 1.12
C5 0DT A 6 0.40 2.42 1.03
C5M 0DT A 6 0.21 2.34 2.52
C6 0DT A 6 0.00 1.45 0.20
H5' 0DT A 6 -1.63 -1.04 0.65
H5'' 0DT A 6 -0.99 -2.71 0.70
H4' 0DT A 6 -0.52 -2.74 -1.48
H3' 0DT A 6 -2.89 -1.58 -1.35
H2' 0DT A 6 -2.29 0.59 -2.94
H2'' 0DT A 6 -2.31 0.73 -1.18
H1' 0DT A 6 0.01 0.62 -3.06
H3 0DT A 6 1.54 4.42 -1.31
H71 0DT A 6 0.86 1.57 2.92
H72 0DT A 6 0.44 3.30 2.97
H73 0DT A 6 -0.83 2.08 2.74
H6 0DT A 6 -0.45 0.56 0.63
P 0DT A 6 0.87 -2.94 1.99
OP1 0DT A 6 1.35 -4.30 1.62
OP2 0DT A 6 1.78 -2.03 2.73
O5' 0DT A 6 0.40 -2.20 0.66
C5' 0DT A 6 -0.98 -2.19 0.27
C4' 0DT A 6 -1.11 -1.92 -1.21
O4' 0DT A 6 0.12 -1.34 -1.68
C3' 0DT A 6 -2.20 -0.93 -1.60
O3' 0DT A 6 -2.68 -1.22 -2.93
C2' 0DT A 6 -1.49 0.40 -1.57
C1' 0DT A 6 -0.02 0.07 -1.80
N1 0DT A 6 0.90 0.71 -0.84
C2 0DT A 6 2.02 1.35 -1.33
O2 0DT A 6 2.27 1.41 -2.53
N3 0DT A 6 2.82 1.92 -0.39
C4 0DT A 6 2.63 1.93 0.98
O4 0DT A 6 3.44 2.48 1.71
C5 0DT A 6 1.44 1.23 1.43
C5M 0DT A 6 1.12 1.23 2.90
C6 0DT A 6 0.65 0.66 0.52
H5' 0DT A 6 -1.52 -1.41 0.83
H5'' 0DT A 6 -1.43 -3.16 0.50
H4' 0DT A 6 -1.35 -2.87 -1.70
H3' 0DT A 6 -3.04 -0.97 -0.90
H2' 0DT A 6 -1.86 1.06 -2.36
H2'' 0DT A 6 -1.65 0.92 -0.63
H1' 0DT A 6 0.28 0.36 -2.81
H3 0DT A 6 3.64 2.40 -0.72
H71 0DT A 6 1.54 2.13 3.36
H72 0DT A 6 0.04 1.23 3.03
H73 0DT A 6 1.55 0.35 3.36
H6 0DT A 6 -0.24 0.12 0.86
P 0DT A 6 1.01 -2.04 2.04
OP1 0DT A 6 1.85 -3.11 1.44
OP2 0DT A 6 1.63 -1.04 2.95
O5' 0DT A 6 0.29 -1.25 0.85
C5' 0DT A 6 -0.90 -1.76 0.25
C4' 0DT A 6 -0.80 -1.72 -1.25
O4' 0DT A 6 0.17 -0.72 -1.62
C3' 0DT A 6 -2.08 -1.34 -1.99
O3' 0DT A 6 -2.09 -1.90 -3.30
C2' 0DT A 6 -1.99 0.18 -2.06
C1' 0DT A 6 -0.49 0.47 -2.04
N1 0DT A 6 -0.09 1.56 -1.13
C2 0DT A 6 0.45 2.71 -1.68
O2 0DT A 6 0.63 2.85 -2.88
N3 0DT A 6 0.78 3.68 -0.77
C4 0DT A 6 0.63 3.62 0.60
O4 0DT A 6 0.97 4.58 1.28
C5 0DT A 6 0.06 2.40 1.11
C5M 0DT A 6 -0.18 2.26 2.58
C6 0DT A 6 -0.26 1.44 0.24
H5' 0DT A 6 -1.75 -1.15 0.58
H5'' 0DT A 6 -1.06 -2.79 0.58
H4' 0DT A 6 -0.53 -2.72 -1.58
H3' 0DT A 6 -2.96 -1.66 -1.45
H2' 0DT A 6 -2.43 0.57 -2.97
H2'' 0DT A 6 -2.50 0.66 -1.22
H1' 0DT A 6 -0.13 0.71 -3.05
H3 0DT A 6 1.18 4.52 -1.15
H71 0DT A 6 -0.02 3.23 3.06
H72 0DT A 6 -1.21 1.94 2.76
H73 0DT A 6 0.50 1.53 3.00
H6 0DT A 6 -0.68 0.51 0.62
P 0DT A 6 0.94 -2.48 2.04
OP1 0DT A 6 1.49 -3.55 1.16
OP2 0DT A 6 1.88 -1.64 2.84
O5' 0DT A 6 0.02 -1.51 1.17
C5' 0DT A 6 -1.09 -2.02 0.45
C4' 0DT A 6 -0.71 -2.32 -0.97
O4' 0DT A 6 0.51 -1.59 -1.30
C3' 0DT A 6 -1.71 -1.88 -2.03
O3' 0DT A 6 -1.54 -2.66 -3.23
C2' 0DT A 6 -1.33 -0.43 -2.27
C1' 0DT A 6 0.17 -0.42 -2.05
N1 0DT A 6 0.66 0.76 -1.30
C2 0DT A 6 1.42 1.69 -1.96
O2 0DT A 6 1.71 1.59 -3.14
N3 0DT A 6 1.83 2.75 -1.20
C4 0DT A 6 1.56 2.97 0.13
O4 0DT A 6 1.99 3.98 0.69
C5 0DT A 6 0.76 1.94 0.78
C5M 0DT A 6 0.38 2.12 2.21
C6 0DT A 6 0.36 0.90 0.04
H5' 0DT A 6 -1.90 -1.28 0.45
H5'' 0DT A 6 -1.45 -2.93 0.92
H4' 0DT A 6 -0.59 -3.40 -1.07
H3' 0DT A 6 -2.73 -1.99 -1.67
H2' 0DT A 6 -1.58 -0.12 -3.29
H2'' 0DT A 6 -1.86 0.23 -1.59
H1' 0DT A 6 0.72 -0.47 -2.99
H3 0DT A 6 2.38 3.46 -1.66
H71 0DT A 6 0.63 3.13 2.54
H72 0DT A 6 -0.70 1.94 2.33
H73 0DT A 6 0.92 1.40 2.83
H6 0DT A 6 -0.23 0.12 0.53
P 0DT A 6 0.99 -1.94 1.77
OP1 0DT A 6 1.77 -3.00 1.08
OP2 0DT A 6 1.69 -1.00 2.68
O5' 0DT A 6 0.26 -1.07 0.65
C5' 0DT A 6 -1.01 -1.48 0.12
C4' 0DT A 6 -1.11 -1.12 -1.35
O4' 0DT A 6 -0.23 0.00 -1.62
C3' 0DT A 6 -2.48 -0.67 -1.83
O3' 0DT A 6 -2.65 -0.97 -3.21
C2' 0DT A 6 -2.45 0.83 -1.59
C1' 0DT A 6 -0.97 1.19 -1.74
N1 0DT A 6 -0.48 2.14 -0.73
C2 0DT A 6 -0.05 3.38 -1.13
O2 0DT A 6 -0.04 3.72 -2.31
N3 0DT A 6 0.38 4.20 -0.13
C4 0DT A 6 0.43 3.93 1.21
O4 0DT A 6 0.84 4.77 2.00
C5 0DT A 6 -0.04 2.61 1.58
C5M 0DT A 6 -0.07 2.23 3.04
C6 0DT A 6 -0.47 1.79 0.61
H5' 0DT A 6 -1.81 -0.97 0.66
H5'' 0DT A 6 -1.12 -2.55 0.24
H4' 0DT A 6 -0.86 -2.02 -1.92
H3' 0DT A 6 -3.27 -1.15 -1.25
H2' 0DT A 6 -3.04 1.36 -2.34
H2'' 0DT A 6 -2.84 1.10 -0.61
H1' 0DT A 6 -0.77 1.62 -2.73
H3 0DT A 6 0.71 5.12 -0.42
H71 0DT A 6 0.70 1.48 3.23
H72 0DT A 6 0.13 3.12 3.64
H73 0DT A 6 -1.05 1.83 3.29
H6 0DT A 6 -0.81 0.79 0.89
P 0DT A 6 1.42 -2.71 1.85
OP1 0DT A 6 1.99 -3.77 0.96
OP2 0DT A 6 2.30 -1.99 2.79
O5' 0DT A 6 0.67 -1.65 0.94
C5' 0DT A 6 -0.61 -1.93 0.37
C4' 0DT A 6 -0.63 -1.56 -1.09
O4' 0DT A 6 0.40 -0.58 -1.34
C3' 0DT A 6 -1.92 -0.93 -1.59
O3' 0DT A 6 -2.13 -1.23 -2.98
C2' 0DT A 6 -1.69 0.56 -1.40
C1' 0DT A 6 -0.17 0.72 -1.48
N1 0DT A 6 0.40 1.59 -0.43
C2 0DT A 6 1.01 2.76 -0.82
O2 0DT A 6 1.09 3.12 -1.98
N3 0DT A 6 1.50 3.52 0.21
C4 0DT A 6 1.46 3.23 1.56
O4 0DT A 6 1.95 4.00 2.37
C5 0DT A 6 0.82 1.97 1.90
C5M 0DT A 6 0.69 1.58 3.34
C6 0DT A 6 0.33 1.22 0.91
H5' 0DT A 6 -1.37 -1.35 0.90
H5'' 0DT A 6 -0.83 -2.99 0.48
H4' 0DT A 6 -0.49 -2.48 -1.67
H3' 0DT A 6 -2.77 -1.29 -1.03
H2' 0DT A 6 -2.17 1.14 -2.19
H2'' 0DT A 6 -2.09 0.91 -0.44
H1' 0DT A 6 0.13 1.11 -2.45
H3 0DT A 6 1.94 4.39 -0.04
H71 0DT A 6 -0.31 1.21 3.53
H72 0DT A 6 1.43 0.82 3.57
H73 0DT A 6 0.87 2.46 3.97
H6 0DT A 6 -0.14 0.26 1.15
P 0DT A 6 0.92 -3.47 1.79
OP1 0DT A 6 1.33 -4.51 0.81
OP2 0DT A 6 1.94 -2.86 2.68
O5' 0DT A 6 0.18 -2.30 0.99
C5' 0DT A 6 -1.04 -2.55 0.30
C4' 0DT A 6 -0.84 -2.39 -1.19
O4' 0DT A 6 0.28 -1.50 -1.42
C3' 0DT A 6 -2.01 -1.77 -1.94
O3' 0DT A 6 -2.02 -2.20 -3.30
C2' 0DT A 6 -1.71 -0.28 -1.87
C1' 0DT A 6 -0.18 -0.21 -1.77
N1 0DT A 6 0.31 0.74 -0.74
C2 0DT A 6 1.01 1.84 -1.15
O2 0DT A 6 1.24 2.08 -2.32
N3 0DT A 6 1.42 2.68 -0.15
C4 0DT A 6 1.21 2.51 1.21
O4 0DT A 6 1.64 3.35 2.00
C5 0DT A 6 0.48 1.33 1.58
C5M 0DT A 6 0.17 1.09 3.03
C6 0DT A 6 0.06 0.50 0.60
H5' 0DT A 6 -1.79 -1.84 0.63
H5'' 0DT A 6 -1.38 -3.56 0.51
H4' 0DT A 6 -0.70 -3.39 -1.61
H3' 0DT A 6 -2.96 -2.02 -1.47
H2' 0DT A 6 -2.05 0.25 -2.76
H2'' 0DT A 6 -2.19 0.18 -1.01
H1' 0DT A 6 0.26 0.07 -2.73
H3 0DT A 6 1.93 3.50 -0.42
H71 0DT A 6 0.28 2.02 3.58
H72 0DT A 6 -0.85 0.72 3.13
H73 0DT A 6 0.87 0.35 3.42
H6 0DT A 6 -0.48 -0.39 0.88
P 0DT A 6 0.98 -2.84 1.99
OP1 0DT A 6 1.54 -3.94 1.24
OP2 0DT A 6 1.85 -2.04 2.86
O5' 0DT A 6 0.29 -1.86 1.00
C5' 0DT A 6 -0.94 -2.17 0.37
C4' 0DT A 6 -0.80 -2.10 -1.11
O4' 0DT A 6 0.32 -1.26 -1.40
C3' 0DT A 6 -1.95 -1.51 -1.84
O3' 0DT A 6 -2.01 -2.00 -3.16
C2' 0DT A 6 -1.62 -0.04 -1.82
C1' 0DT A 6 -0.12 0.00 -1.78
N1 0DT A 6 0.44 0.98 -0.84
C2 0DT A 6 1.16 2.01 -1.34
O2 0DT A 6 1.37 2.15 -2.51
N3 0DT A 6 1.63 2.87 -0.40
C4 0DT A 6 1.47 2.81 0.95
O4 0DT A 6 1.95 3.68 1.66
C5 0DT A 6 0.71 1.70 1.41
C5M 0DT A 6 0.44 1.58 2.86
C6 0DT A 6 0.24 0.85 0.51
H5' 0DT A 6 -1.68 -1.48 0.69
H5'' 0DT A 6 -1.25 -3.16 0.64
H4' 0DT A 6 -0.70 -3.10 -1.48
H3' 0DT A 6 -2.87 -1.72 -1.34
H2' 0DT A 6 -1.98 0.43 -2.71
H2'' 0DT A 6 -2.06 0.45 -0.98
H1' 0DT A 6 0.28 0.21 -2.75
H3 0DT A 6 2.17 3.64 -0.74
H71 0DT A 6 0.55 1.75 3.24
H72 0DT A 6 0.14 1.60 3.13
H73 0DT A 6 0.46 1.29 3.25
H6 0DT A 6 -0.33 0.00 0.85
#